data_3MPQ
#
_entry.id   3MPQ
#
_cell.length_a   87.702
_cell.length_b   86.712
_cell.length_c   80.866
_cell.angle_alpha   90.00
_cell.angle_beta   95.26
_cell.angle_gamma   90.00
#
_symmetry.space_group_name_H-M   'C 1 2 1'
#
loop_
_entity.id
_entity.type
_entity.pdbx_description
1 polymer Transporter
2 non-polymer 'octyl beta-D-glucopyranoside'
3 non-polymer LEUCINE
4 non-polymer 'S-[(1-oxyl-2,2,5,5-tetramethyl-2,5-dihydro-1H-pyrrol-3-yl)methyl] methanesulfonothioate'
5 non-polymer 'SODIUM ION'
6 non-polymer 'CHLORIDE ION'
7 water water
#
_entity_poly.entity_id   1
_entity_poly.type   'polypeptide(L)'
_entity_poly.pdbx_seq_one_letter_code
;KREHWATRLGLILAMAGNAVGLGNFLRFPVQAAENGGGAFMIPYIIAFLLVGIPLMWIEWAMGRYGGAQGHGTTPAIFYL
LWRNRFAKILGVFGLWIPLVVAIYYVYIESWTLGFAIKFLVGLVPEPPPNATDPDSILRPFKEFLYSYIGVPKGDEPILK
PSLFAYIVFLITMFINVSILIRGISKGIERFAKIAMPTLFCLAVFLVIRVFLLETPNGTAADGLNFLWTPDFEKLKDPGV
WIAAVGQIFFTLSLGFGAIITYASYVRKDQDIVLSGLTAATLNEKAEVILGGSISIPAAVAFFGVANAVAIAKAGAFNLG
FITLPAIFSQTAGGTFLGFLWFFLLFFAGLTSSIAIMQPMIAFLEDELKLSRKHAVLWTAAIVFFSAHLVMFLNKSLDEM
DFWAGTIGVVFFGLTELIIFFWIFGADKAWEEINRGGIIKVPRIYYYVMRYITPAFLAVLLVVWAREYIPKIMEETHWTV
WITRFYIIGLFLFLTFLVFLAERRRNH
;
_entity_poly.pdbx_strand_id   A
#
loop_
_chem_comp.id
_chem_comp.type
_chem_comp.name
_chem_comp.formula
BOG D-saccharide 'octyl beta-D-glucopyranoside' 'C14 H28 O6'
CL non-polymer 'CHLORIDE ION' 'Cl -1'
MTN non-polymer 'S-[(1-oxyl-2,2,5,5-tetramethyl-2,5-dihydro-1H-pyrrol-3-yl)methyl] methanesulfonothioate' 'C10 H18 N O3 S2'
NA non-polymer 'SODIUM ION' 'Na 1'
#
# COMPACT_ATOMS: atom_id res chain seq x y z
N LYS A 1 -5.51 29.55 3.00
CA LYS A 1 -6.62 28.85 2.29
C LYS A 1 -6.35 27.35 2.09
N ARG A 2 -5.09 26.93 2.07
CA ARG A 2 -4.77 25.49 2.07
C ARG A 2 -3.37 25.21 2.60
N GLU A 3 -3.15 24.09 3.25
CA GLU A 3 -1.80 23.59 3.56
C GLU A 3 -1.03 23.23 2.28
N HIS A 4 0.28 23.39 2.31
CA HIS A 4 1.13 23.13 1.17
C HIS A 4 2.37 22.40 1.57
N TRP A 5 2.86 21.49 0.73
CA TRP A 5 4.20 20.96 0.93
C TRP A 5 5.20 22.13 0.94
N ALA A 6 6.15 22.11 1.86
CA ALA A 6 7.11 23.21 2.06
C ALA A 6 8.19 23.11 1.00
N THR A 7 8.63 21.91 0.67
CA THR A 7 9.76 21.74 -0.17
C THR A 7 9.49 20.63 -1.16
N ARG A 8 10.19 20.71 -2.28
CA ARG A 8 10.10 19.76 -3.35
C ARG A 8 10.63 18.40 -2.91
N LEU A 9 11.72 18.43 -2.15
CA LEU A 9 12.34 17.20 -1.64
C LEU A 9 11.36 16.52 -0.66
N GLY A 10 10.74 17.31 0.21
CA GLY A 10 9.79 16.78 1.14
C GLY A 10 8.56 16.21 0.46
N LEU A 11 8.08 16.94 -0.52
CA LEU A 11 6.99 16.51 -1.37
C LEU A 11 7.31 15.12 -1.86
N ILE A 12 8.46 14.97 -2.52
CA ILE A 12 8.81 13.72 -3.24
C ILE A 12 9.05 12.57 -2.21
N LEU A 13 9.68 12.88 -1.06
CA LEU A 13 9.95 11.84 -0.08
C LEU A 13 8.61 11.42 0.61
N ALA A 14 7.68 12.37 0.83
CA ALA A 14 6.33 12.06 1.33
C ALA A 14 5.62 11.12 0.39
N MET A 15 5.64 11.46 -0.90
CA MET A 15 4.99 10.63 -1.94
C MET A 15 5.67 9.30 -2.10
N ALA A 16 7.00 9.32 -2.03
CA ALA A 16 7.74 8.06 -2.01
C ALA A 16 7.40 7.19 -0.78
N GLY A 17 7.17 7.80 0.37
CA GLY A 17 6.80 7.04 1.60
C GLY A 17 5.36 6.56 1.51
N ASN A 18 4.53 7.34 0.81
CA ASN A 18 3.17 6.92 0.50
C ASN A 18 3.22 5.58 -0.22
N ALA A 19 4.03 5.53 -1.27
CA ALA A 19 4.14 4.33 -2.12
C ALA A 19 4.96 3.23 -1.45
N VAL A 20 6.14 3.56 -0.89
CA VAL A 20 7.05 2.54 -0.51
C VAL A 20 6.59 2.02 0.86
N GLY A 21 6.05 0.83 0.89
CA GLY A 21 5.45 0.32 2.09
C GLY A 21 5.59 -1.17 2.20
N LEU A 22 4.64 -1.77 2.90
CA LEU A 22 4.59 -3.20 3.04
C LEU A 22 4.40 -3.88 1.74
N GLY A 23 3.86 -3.16 0.75
CA GLY A 23 3.70 -3.79 -0.54
C GLY A 23 5.04 -4.17 -1.08
N ASN A 24 6.03 -3.34 -0.80
CA ASN A 24 7.35 -3.57 -1.39
C ASN A 24 8.11 -4.76 -0.83
N PHE A 25 7.97 -4.97 0.48
CA PHE A 25 8.79 -5.87 1.23
C PHE A 25 8.07 -7.13 1.56
N LEU A 26 6.74 -7.08 1.66
CA LEU A 26 5.96 -8.31 1.91
C LEU A 26 5.16 -8.79 0.71
N ARG A 27 4.41 -7.91 0.04
CA ARG A 27 3.49 -8.38 -1.01
C ARG A 27 4.23 -8.76 -2.28
N PHE A 28 5.07 -7.84 -2.79
CA PHE A 28 5.89 -8.14 -3.96
C PHE A 28 6.61 -9.50 -3.95
N PRO A 29 7.40 -9.78 -2.92
CA PRO A 29 8.09 -11.05 -2.95
C PRO A 29 7.16 -12.25 -3.10
N VAL A 30 6.04 -12.27 -2.41
CA VAL A 30 5.11 -13.40 -2.46
C VAL A 30 4.47 -13.42 -3.85
N GLN A 31 4.08 -12.26 -4.39
CA GLN A 31 3.42 -12.24 -5.69
C GLN A 31 4.38 -12.76 -6.77
N ALA A 32 5.63 -12.32 -6.68
CA ALA A 32 6.64 -12.67 -7.67
C ALA A 32 6.98 -14.15 -7.56
N ALA A 33 7.15 -14.65 -6.34
CA ALA A 33 7.52 -16.05 -6.14
C ALA A 33 6.43 -17.04 -6.60
N GLU A 34 5.19 -16.76 -6.26
CA GLU A 34 4.02 -17.53 -6.68
C GLU A 34 3.82 -17.58 -8.22
N ASN A 35 4.40 -16.65 -8.98
CA ASN A 35 4.05 -16.51 -10.39
C ASN A 35 5.29 -16.71 -11.25
N GLY A 36 6.14 -17.63 -10.84
CA GLY A 36 7.28 -18.07 -11.64
C GLY A 36 8.54 -17.25 -11.56
N GLY A 37 8.58 -16.20 -10.72
CA GLY A 37 9.75 -15.35 -10.65
C GLY A 37 9.82 -14.36 -11.81
N GLY A 38 10.74 -14.60 -12.76
CA GLY A 38 10.91 -13.73 -13.92
C GLY A 38 9.77 -13.81 -14.91
N ALA A 39 8.99 -14.89 -14.86
CA ALA A 39 7.70 -14.96 -15.58
C ALA A 39 6.71 -13.84 -15.20
N PHE A 40 6.74 -13.46 -13.93
CA PHE A 40 5.97 -12.37 -13.37
C PHE A 40 6.53 -11.06 -13.83
N MET A 41 7.84 -10.98 -13.91
CA MET A 41 8.47 -9.70 -14.13
C MET A 41 8.16 -9.05 -15.48
N ILE A 42 7.97 -9.83 -16.56
CA ILE A 42 7.72 -9.15 -17.83
C ILE A 42 6.39 -8.41 -17.76
N PRO A 43 5.32 -9.09 -17.35
CA PRO A 43 4.06 -8.37 -17.25
C PRO A 43 4.06 -7.26 -16.24
N TYR A 44 4.86 -7.45 -15.19
CA TYR A 44 4.97 -6.45 -14.14
C TYR A 44 5.56 -5.24 -14.74
N ILE A 45 6.66 -5.41 -15.46
CA ILE A 45 7.27 -4.24 -16.14
C ILE A 45 6.30 -3.56 -17.16
N ILE A 46 5.60 -4.36 -17.96
CA ILE A 46 4.66 -3.79 -18.90
C ILE A 46 3.53 -3.04 -18.20
N ALA A 47 3.06 -3.57 -17.08
CA ALA A 47 2.00 -2.92 -16.33
C ALA A 47 2.51 -1.61 -15.77
N PHE A 48 3.73 -1.62 -15.24
CA PHE A 48 4.29 -0.36 -14.76
C PHE A 48 4.22 0.69 -15.91
N LEU A 49 4.60 0.29 -17.10
CA LEU A 49 4.70 1.22 -18.24
C LEU A 49 3.32 1.62 -18.77
N LEU A 50 2.36 0.72 -18.76
CA LEU A 50 1.03 1.03 -19.33
C LEU A 50 -0.06 1.44 -18.37
N VAL A 51 0.10 1.12 -17.06
CA VAL A 51 -0.90 1.49 -16.04
C VAL A 51 -0.26 2.40 -14.97
N GLY A 52 0.81 1.91 -14.36
CA GLY A 52 1.48 2.58 -13.28
C GLY A 52 1.77 4.04 -13.49
N ILE A 53 2.66 4.27 -14.46
CA ILE A 53 3.08 5.60 -14.83
C ILE A 53 1.93 6.50 -15.23
N PRO A 54 1.06 6.02 -16.12
CA PRO A 54 0.05 6.98 -16.58
C PRO A 54 -1.03 7.27 -15.51
N LEU A 55 -1.47 6.26 -14.78
CA LEU A 55 -2.37 6.55 -13.63
C LEU A 55 -1.72 7.42 -12.54
N MET A 56 -0.42 7.27 -12.34
CA MET A 56 0.25 8.14 -11.33
C MET A 56 0.09 9.59 -11.76
N TRP A 57 0.36 9.84 -13.05
CA TRP A 57 0.29 11.23 -13.54
C TRP A 57 -1.11 11.77 -13.43
N ILE A 58 -2.06 10.94 -13.83
CA ILE A 58 -3.46 11.32 -13.76
C ILE A 58 -3.90 11.64 -12.33
N GLU A 59 -3.45 10.85 -11.36
CA GLU A 59 -3.87 11.10 -9.95
C GLU A 59 -3.22 12.34 -9.36
N TRP A 60 -1.95 12.56 -9.65
CA TRP A 60 -1.35 13.85 -9.21
C TRP A 60 -2.05 15.05 -9.81
N ALA A 61 -2.40 14.94 -11.09
CA ALA A 61 -3.10 16.03 -11.79
C ALA A 61 -4.50 16.24 -11.23
N MET A 62 -5.22 15.17 -10.95
CA MET A 62 -6.54 15.35 -10.32
C MET A 62 -6.41 16.03 -8.97
N GLY A 63 -5.36 15.70 -8.23
CA GLY A 63 -5.23 16.21 -6.87
C GLY A 63 -4.89 17.67 -6.82
N ARG A 64 -3.85 18.03 -7.58
CA ARG A 64 -3.44 19.43 -7.75
C ARG A 64 -4.60 20.29 -8.22
N TYR A 65 -5.35 19.77 -9.14
CA TYR A 65 -6.50 20.51 -9.65
C TYR A 65 -7.57 20.70 -8.57
N GLY A 66 -7.90 19.65 -7.82
CA GLY A 66 -8.91 19.83 -6.77
C GLY A 66 -8.39 20.78 -5.69
N GLY A 67 -7.11 20.67 -5.40
CA GLY A 67 -6.52 21.40 -4.31
C GLY A 67 -6.55 22.88 -4.52
N ALA A 68 -6.33 23.30 -5.77
CA ALA A 68 -6.39 24.75 -6.15
C ALA A 68 -7.78 25.34 -5.81
N GLN A 69 -8.82 24.52 -5.98
CA GLN A 69 -10.18 24.90 -5.59
C GLN A 69 -10.56 24.47 -4.15
N GLY A 70 -9.64 24.09 -3.26
CA GLY A 70 -9.99 23.81 -1.83
C GLY A 70 -10.50 22.40 -1.49
N HIS A 71 -10.43 21.51 -2.47
CA HIS A 71 -10.87 20.12 -2.38
C HIS A 71 -9.80 19.05 -2.60
N GLY A 72 -9.57 18.19 -1.61
CA GLY A 72 -8.58 17.10 -1.76
C GLY A 72 -9.05 15.66 -1.97
N THR A 73 -10.35 15.42 -1.90
CA THR A 73 -10.85 14.08 -2.05
C THR A 73 -11.81 13.93 -3.20
N THR A 74 -12.01 12.69 -3.62
CA THR A 74 -12.73 12.43 -4.85
C THR A 74 -14.25 12.70 -4.90
N PRO A 75 -14.95 12.77 -3.74
CA PRO A 75 -16.38 13.10 -3.95
C PRO A 75 -16.52 14.50 -4.59
N ALA A 76 -15.78 15.46 -4.06
CA ALA A 76 -15.72 16.82 -4.60
C ALA A 76 -15.00 16.85 -5.97
N ILE A 77 -13.81 16.26 -6.03
CA ILE A 77 -13.00 16.35 -7.24
C ILE A 77 -13.69 15.72 -8.45
N PHE A 78 -14.33 14.56 -8.28
CA PHE A 78 -15.05 13.94 -9.39
C PHE A 78 -16.20 14.86 -9.94
N TYR A 79 -16.83 15.57 -9.00
CA TYR A 79 -17.90 16.48 -9.30
C TYR A 79 -17.39 17.74 -10.05
N LEU A 80 -16.21 18.21 -9.67
CA LEU A 80 -15.58 19.32 -10.32
C LEU A 80 -15.27 18.98 -11.76
N LEU A 81 -14.96 17.72 -12.03
CA LEU A 81 -14.65 17.25 -13.39
C LEU A 81 -15.87 16.75 -14.19
N TRP A 82 -16.95 16.44 -13.49
CA TRP A 82 -18.16 15.92 -14.10
C TRP A 82 -19.37 16.26 -13.24
N ARG A 83 -20.08 17.32 -13.63
CA ARG A 83 -21.16 17.93 -12.81
C ARG A 83 -22.42 17.11 -12.85
N ASN A 84 -22.40 16.02 -12.11
CA ASN A 84 -23.46 15.03 -12.08
C ASN A 84 -23.42 14.42 -10.66
N ARG A 85 -24.59 14.12 -10.11
CA ARG A 85 -24.68 13.69 -8.70
C ARG A 85 -24.04 12.32 -8.57
N PHE A 86 -24.11 11.54 -9.64
CA PHE A 86 -23.48 10.24 -9.71
C PHE A 86 -21.94 10.35 -9.57
N ALA A 87 -21.34 11.45 -10.02
CA ALA A 87 -19.90 11.70 -9.79
C ALA A 87 -19.57 11.70 -8.28
N LYS A 88 -20.44 12.34 -7.46
CA LYS A 88 -20.19 12.41 -6.04
C LYS A 88 -20.21 11.01 -5.42
N ILE A 89 -21.08 10.15 -5.96
CA ILE A 89 -21.31 8.86 -5.42
C ILE A 89 -20.14 7.97 -5.77
N LEU A 90 -19.79 7.89 -7.05
CA LEU A 90 -18.59 7.15 -7.39
C LEU A 90 -17.39 7.62 -6.58
N GLY A 91 -17.41 8.91 -6.27
CA GLY A 91 -16.34 9.57 -5.56
C GLY A 91 -16.13 9.01 -4.15
N VAL A 92 -17.18 8.45 -3.56
CA VAL A 92 -17.13 7.91 -2.21
C VAL A 92 -16.14 6.76 -2.14
N PHE A 93 -15.94 6.02 -3.22
CA PHE A 93 -14.92 4.99 -3.24
C PHE A 93 -13.50 5.48 -2.86
N GLY A 94 -13.20 6.74 -3.09
CA GLY A 94 -11.88 7.24 -2.88
C GLY A 94 -11.72 7.81 -1.49
N LEU A 95 -12.79 7.70 -0.71
CA LEU A 95 -12.72 7.76 0.75
C LEU A 95 -12.87 6.37 1.35
N TRP A 96 -13.71 5.50 0.73
CA TRP A 96 -13.99 4.19 1.28
C TRP A 96 -12.83 3.23 1.11
N ILE A 97 -12.22 3.19 -0.07
CA ILE A 97 -11.09 2.30 -0.26
C ILE A 97 -9.95 2.52 0.80
N PRO A 98 -9.43 3.76 0.91
CA PRO A 98 -8.35 4.04 1.87
C PRO A 98 -8.71 3.82 3.32
N LEU A 99 -9.95 4.08 3.70
CA LEU A 99 -10.42 3.82 5.03
C LEU A 99 -10.50 2.32 5.27
N VAL A 100 -11.08 1.57 4.32
CA VAL A 100 -11.11 0.17 4.46
C VAL A 100 -9.69 -0.44 4.51
N VAL A 101 -8.80 0.05 3.67
CA VAL A 101 -7.48 -0.49 3.63
C VAL A 101 -6.71 -0.15 4.95
N ALA A 102 -6.92 1.09 5.44
CA ALA A 102 -6.28 1.58 6.65
C ALA A 102 -6.64 0.64 7.81
N ILE A 103 -7.86 0.11 7.79
CA ILE A 103 -8.38 -0.69 8.87
C ILE A 103 -7.54 -1.97 9.07
N TYR A 104 -7.21 -2.64 7.99
CA TYR A 104 -6.35 -3.83 8.11
C TYR A 104 -4.84 -3.56 8.01
N TYR A 105 -4.44 -2.53 7.24
CA TYR A 105 -3.05 -2.25 7.05
C TYR A 105 -2.42 -1.71 8.36
N VAL A 106 -3.10 -0.83 9.05
CA VAL A 106 -2.58 -0.35 10.30
C VAL A 106 -2.40 -1.50 11.31
N TYR A 107 -3.28 -2.49 11.26
CA TYR A 107 -3.12 -3.62 12.13
C TYR A 107 -1.89 -4.42 11.74
N ILE A 108 -1.73 -4.76 10.46
CA ILE A 108 -0.53 -5.48 10.05
C ILE A 108 0.77 -4.67 10.39
N GLU A 109 0.74 -3.36 10.14
CA GLU A 109 1.80 -2.50 10.55
C GLU A 109 2.09 -2.65 12.09
N SER A 110 1.07 -2.72 12.93
CA SER A 110 1.27 -2.86 14.36
C SER A 110 1.98 -4.17 14.68
N TRP A 111 1.75 -5.21 13.89
CA TRP A 111 2.47 -6.43 14.06
C TRP A 111 3.94 -6.24 13.92
N THR A 112 4.36 -5.41 12.96
CA THR A 112 5.76 -5.16 12.74
C THR A 112 6.38 -4.40 13.93
N LEU A 113 5.66 -3.47 14.53
CA LEU A 113 6.14 -2.77 15.72
C LEU A 113 6.31 -3.78 16.90
N GLY A 114 5.31 -4.65 17.08
CA GLY A 114 5.35 -5.64 18.08
C GLY A 114 6.48 -6.64 17.92
N PHE A 115 6.63 -7.17 16.70
CA PHE A 115 7.71 -8.07 16.47
C PHE A 115 9.03 -7.28 16.61
N ALA A 116 9.12 -6.06 16.13
CA ALA A 116 10.36 -5.30 16.30
C ALA A 116 10.71 -5.22 17.83
N ILE A 117 9.76 -4.80 18.66
CA ILE A 117 9.98 -4.72 20.09
C ILE A 117 10.46 -6.06 20.69
N LYS A 118 9.74 -7.12 20.37
CA LYS A 118 10.13 -8.41 20.88
C LYS A 118 11.47 -8.90 20.36
N PHE A 119 11.78 -8.57 19.10
CA PHE A 119 13.07 -9.02 18.58
C PHE A 119 14.25 -8.25 19.28
N LEU A 120 14.13 -6.95 19.43
CA LEU A 120 15.14 -6.10 20.07
C LEU A 120 15.50 -6.59 21.52
N VAL A 121 14.50 -7.04 22.24
CA VAL A 121 14.57 -7.36 23.64
C VAL A 121 14.80 -8.83 23.84
N GLY A 122 14.81 -9.57 22.72
CA GLY A 122 15.14 -10.95 22.71
C GLY A 122 14.10 -11.93 23.20
N LEU A 123 12.85 -11.48 23.34
CA LEU A 123 11.76 -12.34 23.72
C LEU A 123 11.22 -13.09 22.46
N VAL A 124 12.04 -13.99 21.95
CA VAL A 124 11.79 -14.62 20.66
C VAL A 124 11.98 -16.11 20.82
N PRO A 125 11.55 -16.92 19.85
CA PRO A 125 11.80 -18.35 20.04
C PRO A 125 13.28 -18.69 19.83
N GLU A 126 13.66 -19.84 20.36
CA GLU A 126 14.97 -20.41 20.13
C GLU A 126 14.70 -21.77 19.48
N PRO A 127 15.25 -22.03 18.28
CA PRO A 127 15.09 -23.39 17.72
C PRO A 127 16.21 -24.34 18.14
N ASP A 133 16.07 -30.55 11.86
CA ASP A 133 14.91 -30.63 10.98
C ASP A 133 14.42 -29.20 10.63
N PRO A 134 14.13 -28.89 9.33
CA PRO A 134 13.48 -27.62 8.96
C PRO A 134 12.17 -27.27 9.72
N ASP A 135 11.14 -28.13 9.64
CA ASP A 135 9.92 -27.96 10.45
C ASP A 135 10.27 -27.63 11.93
N SER A 136 11.34 -28.23 12.43
CA SER A 136 11.84 -27.96 13.79
C SER A 136 12.41 -26.53 14.02
N ILE A 137 12.86 -25.91 12.93
CA ILE A 137 13.28 -24.52 12.93
C ILE A 137 12.14 -23.51 12.64
N LEU A 138 11.22 -23.89 11.74
CA LEU A 138 10.11 -23.01 11.35
C LEU A 138 8.95 -23.00 12.35
N ARG A 139 8.69 -24.14 12.98
CA ARG A 139 7.53 -24.30 13.82
C ARG A 139 7.52 -23.31 14.97
N PRO A 140 8.67 -23.07 15.63
CA PRO A 140 8.57 -22.12 16.77
C PRO A 140 8.29 -20.74 16.31
N PHE A 141 8.74 -20.39 15.12
CA PHE A 141 8.36 -19.10 14.56
C PHE A 141 6.88 -19.05 14.08
N LYS A 142 6.31 -20.16 13.61
CA LYS A 142 4.90 -20.22 13.22
C LYS A 142 4.03 -19.98 14.43
N GLU A 143 4.36 -20.68 15.50
CA GLU A 143 3.69 -20.54 16.82
C GLU A 143 3.79 -19.16 17.41
N PHE A 144 4.93 -18.55 17.26
CA PHE A 144 5.13 -17.21 17.79
C PHE A 144 4.21 -16.20 17.01
N LEU A 145 4.10 -16.36 15.70
CA LEU A 145 3.11 -15.51 14.97
C LEU A 145 1.69 -15.86 15.35
N TYR A 146 1.42 -17.12 15.52
CA TYR A 146 0.05 -17.60 15.81
C TYR A 146 -0.46 -17.18 17.15
N SER A 147 0.41 -17.11 18.14
CA SER A 147 0.02 -16.61 19.47
C SER A 147 -0.13 -15.13 19.44
N TYR A 148 0.68 -14.44 18.67
CA TYR A 148 0.66 -13.01 18.69
C TYR A 148 -0.69 -12.55 18.16
N ILE A 149 -1.10 -13.11 16.99
CA ILE A 149 -2.37 -12.66 16.43
C ILE A 149 -3.53 -13.49 16.90
N GLY A 150 -3.28 -14.64 17.51
CA GLY A 150 -4.35 -15.48 18.00
C GLY A 150 -5.08 -16.32 16.95
N VAL A 151 -4.37 -16.94 16.02
CA VAL A 151 -4.97 -17.81 15.03
C VAL A 151 -5.82 -18.86 15.70
N PRO A 152 -7.03 -19.10 15.16
CA PRO A 152 -7.95 -20.08 15.77
C PRO A 152 -7.35 -21.47 15.94
N LYS A 153 -7.60 -22.11 17.07
CA LYS A 153 -7.04 -23.43 17.36
C LYS A 153 -8.06 -24.51 17.05
N GLY A 154 -9.36 -24.16 17.04
CA GLY A 154 -10.42 -25.10 16.68
C GLY A 154 -11.25 -24.65 15.47
N ASP A 155 -12.56 -24.85 15.56
CA ASP A 155 -13.47 -24.76 14.40
C ASP A 155 -14.11 -23.37 14.25
N GLU A 156 -14.19 -22.64 15.38
CA GLU A 156 -14.75 -21.31 15.41
C GLU A 156 -13.84 -20.30 14.67
N PRO A 157 -14.45 -19.40 13.88
CA PRO A 157 -13.61 -18.52 13.04
C PRO A 157 -13.23 -17.24 13.80
N ILE A 158 -12.68 -17.42 15.00
CA ILE A 158 -12.43 -16.35 15.92
C ILE A 158 -10.94 -16.20 16.33
N LEU A 159 -10.45 -14.98 16.35
CA LEU A 159 -9.06 -14.70 16.66
C LEU A 159 -8.98 -14.21 18.11
N LYS A 160 -7.87 -14.49 18.75
CA LYS A 160 -7.60 -14.11 20.14
C LYS A 160 -6.23 -13.41 20.19
N PRO A 161 -6.12 -12.22 19.63
CA PRO A 161 -4.81 -11.66 19.76
C PRO A 161 -4.33 -11.50 21.23
N SER A 162 -3.02 -11.61 21.40
CA SER A 162 -2.36 -11.43 22.68
C SER A 162 -2.63 -9.99 23.21
N LEU A 163 -2.58 -9.83 24.53
CA LEU A 163 -2.67 -8.47 25.16
C LEU A 163 -1.62 -7.52 24.62
N PHE A 164 -0.42 -8.02 24.44
CA PHE A 164 0.69 -7.24 23.88
C PHE A 164 0.34 -6.78 22.39
N ALA A 165 -0.12 -7.67 21.53
CA ALA A 165 -0.63 -7.31 20.17
C ALA A 165 -1.63 -6.14 20.19
N TYR A 166 -2.58 -6.22 21.08
CA TYR A 166 -3.58 -5.19 21.25
C TYR A 166 -3.04 -3.86 21.66
N ILE A 167 -2.15 -3.88 22.63
CA ILE A 167 -1.63 -2.60 23.15
C ILE A 167 -0.69 -1.97 22.13
N VAL A 168 0.06 -2.81 21.44
CA VAL A 168 0.90 -2.33 20.37
C VAL A 168 0.03 -1.74 19.18
N PHE A 169 -1.15 -2.29 18.91
CA PHE A 169 -2.07 -1.67 17.95
C PHE A 169 -2.42 -0.26 18.46
N LEU A 170 -2.78 -0.16 19.73
CA LEU A 170 -3.04 1.16 20.31
C LEU A 170 -1.85 2.11 20.15
N ILE A 171 -0.64 1.65 20.45
CA ILE A 171 0.52 2.54 20.32
C ILE A 171 0.72 2.96 18.84
N THR A 172 0.55 2.02 17.92
CA THR A 172 0.69 2.26 16.51
C THR A 172 -0.28 3.34 16.08
N MET A 173 -1.53 3.26 16.49
CA MET A 173 -2.53 4.31 16.24
C MET A 173 -2.06 5.61 16.78
N PHE A 174 -1.55 5.63 18.04
CA PHE A 174 -1.05 6.87 18.67
C PHE A 174 0.06 7.48 17.83
N ILE A 175 0.94 6.64 17.29
CA ILE A 175 2.05 7.15 16.51
C ILE A 175 1.53 7.74 15.18
N ASN A 176 0.60 7.03 14.49
CA ASN A 176 0.04 7.58 13.24
C ASN A 176 -0.58 8.92 13.52
N VAL A 177 -1.34 8.97 14.61
CA VAL A 177 -2.03 10.19 14.99
C VAL A 177 -1.05 11.35 15.25
N SER A 178 0.06 11.08 15.91
CA SER A 178 0.97 12.15 16.33
C SER A 178 1.69 12.75 15.10
N ILE A 179 1.91 11.96 14.07
CA ILE A 179 2.37 12.55 12.83
C ILE A 179 1.25 13.34 12.17
N LEU A 180 0.05 12.75 12.03
CA LEU A 180 -1.00 13.35 11.19
C LEU A 180 -1.51 14.64 11.79
N ILE A 181 -1.51 14.68 13.12
CA ILE A 181 -2.14 15.79 13.83
C ILE A 181 -1.28 17.06 13.61
N ARG A 182 -0.01 16.86 13.29
CA ARG A 182 0.88 18.00 13.03
C ARG A 182 0.71 18.59 11.62
N GLY A 183 0.02 17.90 10.70
CA GLY A 183 -0.26 18.38 9.38
C GLY A 183 0.65 17.86 8.31
N ILE A 184 0.46 18.42 7.11
CA ILE A 184 1.18 18.07 5.93
C ILE A 184 2.65 18.45 6.11
N SER A 185 2.96 19.74 6.23
CA SER A 185 4.38 20.17 6.14
C SER A 185 5.12 19.77 7.39
N LYS A 186 4.55 20.10 8.57
CA LYS A 186 5.19 19.80 9.87
C LYS A 186 5.01 18.33 10.36
N GLY A 187 4.09 17.59 9.74
CA GLY A 187 3.85 16.18 10.14
C GLY A 187 4.38 15.19 9.15
N ILE A 188 3.63 15.02 8.05
CA ILE A 188 3.93 13.96 7.07
C ILE A 188 5.26 14.25 6.38
N GLU A 189 5.43 15.47 5.92
CA GLU A 189 6.64 15.90 5.24
C GLU A 189 7.89 15.80 6.14
N ARG A 190 7.85 16.39 7.33
CA ARG A 190 8.99 16.31 8.22
C ARG A 190 9.31 14.90 8.45
N PHE A 191 8.30 14.13 8.82
CA PHE A 191 8.53 12.72 9.10
C PHE A 191 9.08 11.97 7.90
N ALA A 192 8.64 12.26 6.68
CA ALA A 192 9.19 11.50 5.51
C ALA A 192 10.70 11.78 5.37
N LYS A 193 11.14 12.97 5.77
CA LYS A 193 12.54 13.30 5.53
C LYS A 193 13.45 12.53 6.47
N ILE A 194 12.93 12.12 7.61
CA ILE A 194 13.65 11.21 8.50
C ILE A 194 13.42 9.73 8.12
N ALA A 195 12.18 9.35 7.87
CA ALA A 195 11.88 7.92 7.70
C ALA A 195 12.49 7.32 6.45
N MET A 196 12.42 8.04 5.34
CA MET A 196 12.84 7.45 4.06
C MET A 196 14.35 7.16 3.98
N PRO A 197 15.21 8.10 4.39
CA PRO A 197 16.67 7.70 4.49
C PRO A 197 16.95 6.54 5.46
N THR A 198 16.26 6.51 6.60
CA THR A 198 16.48 5.39 7.56
C THR A 198 16.04 4.09 6.92
N LEU A 199 14.95 4.16 6.18
CA LEU A 199 14.36 3.00 5.54
C LEU A 199 15.28 2.44 4.44
N PHE A 200 15.75 3.35 3.60
CA PHE A 200 16.69 2.98 2.57
C PHE A 200 18.00 2.34 3.16
N CYS A 201 18.58 2.96 4.21
CA CYS A 201 19.79 2.42 4.87
C CYS A 201 19.56 1.05 5.49
N LEU A 202 18.48 0.87 6.26
CA LEU A 202 18.16 -0.43 6.81
C LEU A 202 17.98 -1.49 5.65
N ALA A 203 17.30 -1.13 4.58
CA ALA A 203 17.07 -2.12 3.52
C ALA A 203 18.39 -2.52 2.86
N VAL A 204 19.22 -1.53 2.57
CA VAL A 204 20.52 -1.78 1.95
C VAL A 204 21.34 -2.68 2.87
N PHE A 205 21.41 -2.35 4.14
CA PHE A 205 22.09 -3.25 5.07
C PHE A 205 21.54 -4.67 4.94
N LEU A 206 20.21 -4.81 4.92
CA LEU A 206 19.63 -6.15 4.92
C LEU A 206 19.93 -6.94 3.64
N VAL A 207 19.83 -6.28 2.50
CA VAL A 207 20.25 -6.88 1.24
C VAL A 207 21.72 -7.38 1.27
N ILE A 208 22.62 -6.53 1.77
CA ILE A 208 24.04 -6.87 1.88
C ILE A 208 24.14 -8.12 2.77
N ARG A 209 23.47 -8.12 3.91
CA ARG A 209 23.57 -9.26 4.79
C ARG A 209 23.00 -10.52 4.18
N VAL A 210 21.85 -10.38 3.51
CA VAL A 210 21.27 -11.48 2.76
C VAL A 210 22.21 -11.98 1.65
N PHE A 211 22.82 -11.07 0.91
CA PHE A 211 23.69 -11.47 -0.21
C PHE A 211 24.83 -12.42 0.21
N LEU A 212 25.22 -12.40 1.48
CA LEU A 212 26.23 -13.31 2.03
C LEU A 212 25.77 -14.70 2.51
N LEU A 213 24.48 -14.99 2.46
CA LEU A 213 23.99 -16.27 2.94
C LEU A 213 24.32 -17.35 1.94
N GLU A 214 24.80 -18.46 2.48
CA GLU A 214 25.19 -19.63 1.71
C GLU A 214 25.02 -20.88 2.61
N THR A 215 24.30 -21.87 2.09
CA THR A 215 24.00 -23.08 2.82
C THR A 215 24.20 -24.19 1.80
N PRO A 216 24.08 -25.46 2.22
CA PRO A 216 24.14 -26.54 1.23
C PRO A 216 23.05 -26.54 0.15
N ASN A 217 21.92 -25.85 0.38
CA ASN A 217 20.85 -25.82 -0.62
C ASN A 217 21.01 -24.61 -1.52
N GLY A 218 21.94 -23.72 -1.26
CA GLY A 218 22.12 -22.59 -2.20
C GLY A 218 22.73 -21.32 -1.66
N THR A 219 22.74 -20.33 -2.54
CA THR A 219 23.19 -18.96 -2.24
C THR A 219 22.07 -17.97 -2.60
N ALA A 220 22.18 -16.74 -2.11
CA ALA A 220 21.35 -15.60 -2.51
C ALA A 220 21.27 -15.43 -4.02
N ALA A 221 22.39 -15.63 -4.73
CA ALA A 221 22.40 -15.41 -6.20
C ALA A 221 21.41 -16.33 -6.87
N ASP A 222 21.24 -17.55 -6.37
CA ASP A 222 20.20 -18.42 -6.95
C ASP A 222 18.79 -17.84 -6.85
N GLY A 223 18.58 -16.98 -5.84
CA GLY A 223 17.30 -16.34 -5.66
C GLY A 223 17.16 -15.19 -6.59
N LEU A 224 18.24 -14.45 -6.82
CA LEU A 224 18.24 -13.38 -7.80
C LEU A 224 18.04 -13.95 -9.24
N ASN A 225 18.67 -15.06 -9.58
CA ASN A 225 18.42 -15.75 -10.84
C ASN A 225 17.00 -16.17 -11.03
N PHE A 226 16.39 -16.70 -9.98
CA PHE A 226 15.02 -17.13 -10.05
C PHE A 226 14.07 -15.98 -10.36
N LEU A 227 14.37 -14.78 -9.87
CA LEU A 227 13.43 -13.67 -9.89
C LEU A 227 13.59 -12.91 -11.21
N TRP A 228 14.81 -12.85 -11.68
CA TRP A 228 15.18 -12.07 -12.84
C TRP A 228 15.38 -12.92 -14.10
N THR A 229 14.84 -14.14 -14.13
CA THR A 229 14.98 -14.99 -15.31
C THR A 229 13.62 -15.26 -15.98
N PRO A 230 13.45 -14.71 -17.21
CA PRO A 230 12.20 -14.85 -17.97
C PRO A 230 11.78 -16.29 -18.20
N ASP A 231 10.47 -16.51 -18.24
CA ASP A 231 9.91 -17.79 -18.56
C ASP A 231 8.78 -17.39 -19.50
N PHE A 232 9.03 -17.47 -20.80
CA PHE A 232 8.09 -16.94 -21.79
C PHE A 232 6.82 -17.80 -21.95
N GLU A 233 6.86 -18.99 -21.36
CA GLU A 233 5.70 -19.87 -21.28
C GLU A 233 4.58 -19.22 -20.47
N LYS A 234 4.95 -18.46 -19.44
CA LYS A 234 3.99 -17.92 -18.48
C LYS A 234 3.33 -16.64 -18.97
N LEU A 235 4.00 -15.91 -19.86
CA LEU A 235 3.36 -14.77 -20.50
C LEU A 235 1.97 -15.04 -21.08
N LYS A 236 1.67 -16.30 -21.40
CA LYS A 236 0.32 -16.66 -21.88
C LYS A 236 -0.73 -16.81 -20.76
N ASP A 237 -0.32 -16.96 -19.51
CA ASP A 237 -1.27 -17.18 -18.40
C ASP A 237 -1.92 -15.89 -17.88
N PRO A 238 -3.27 -15.79 -17.94
CA PRO A 238 -3.94 -14.57 -17.45
C PRO A 238 -3.72 -14.24 -15.98
N GLY A 239 -3.58 -15.27 -15.15
CA GLY A 239 -3.39 -15.09 -13.71
C GLY A 239 -2.15 -14.26 -13.37
N VAL A 240 -1.07 -14.52 -14.10
CA VAL A 240 0.17 -13.78 -13.95
C VAL A 240 -0.04 -12.28 -14.25
N TRP A 241 -0.82 -12.02 -15.30
CA TRP A 241 -1.13 -10.64 -15.73
C TRP A 241 -1.99 -9.94 -14.66
N ILE A 242 -2.98 -10.63 -14.13
CA ILE A 242 -3.84 -10.10 -13.12
C ILE A 242 -3.01 -9.80 -11.85
N ALA A 243 -2.09 -10.72 -11.53
CA ALA A 243 -1.32 -10.61 -10.32
C ALA A 243 -0.39 -9.40 -10.51
N ALA A 244 0.31 -9.35 -11.63
CA ALA A 244 1.18 -8.24 -11.96
C ALA A 244 0.53 -6.85 -11.89
N VAL A 245 -0.68 -6.69 -12.46
CA VAL A 245 -1.36 -5.41 -12.42
C VAL A 245 -1.89 -5.02 -11.02
N GLY A 246 -2.47 -5.99 -10.30
CA GLY A 246 -2.87 -5.79 -8.92
C GLY A 246 -1.70 -5.35 -8.04
N GLN A 247 -0.54 -5.95 -8.21
CA GLN A 247 0.67 -5.50 -7.50
C GLN A 247 1.11 -4.07 -7.87
N ILE A 248 1.07 -3.74 -9.18
CA ILE A 248 1.36 -2.39 -9.60
C ILE A 248 0.46 -1.39 -8.88
N PHE A 249 -0.83 -1.64 -8.86
CA PHE A 249 -1.72 -0.71 -8.18
C PHE A 249 -1.38 -0.57 -6.71
N PHE A 250 -1.28 -1.72 -6.05
CA PHE A 250 -1.02 -1.71 -4.62
C PHE A 250 0.26 -0.96 -4.31
N THR A 251 1.31 -1.33 -5.02
CA THR A 251 2.62 -0.78 -4.67
C THR A 251 2.74 0.69 -4.98
N LEU A 252 2.05 1.15 -6.02
CA LEU A 252 2.13 2.60 -6.31
C LEU A 252 1.06 3.42 -5.60
N SER A 253 0.20 2.78 -4.81
CA SER A 253 -0.93 3.45 -4.16
C SER A 253 -1.95 4.01 -5.16
N LEU A 254 -2.12 3.38 -6.32
CA LEU A 254 -3.03 3.89 -7.34
C LEU A 254 -4.41 3.37 -7.02
N GLY A 255 -5.39 4.27 -7.13
CA GLY A 255 -6.78 3.87 -6.91
C GLY A 255 -7.20 3.80 -5.44
N PHE A 256 -6.38 4.37 -4.55
CA PHE A 256 -6.71 4.38 -3.14
C PHE A 256 -7.07 5.79 -2.71
N GLY A 257 -7.17 6.72 -3.67
CA GLY A 257 -7.41 8.14 -3.32
C GLY A 257 -6.29 8.89 -2.55
N ALA A 258 -5.18 8.22 -2.31
CA ALA A 258 -4.14 8.72 -1.45
C ALA A 258 -3.19 9.58 -2.22
N ILE A 259 -2.83 9.15 -3.44
CA ILE A 259 -1.98 10.00 -4.30
C ILE A 259 -2.70 11.30 -4.55
N ILE A 260 -3.98 11.23 -4.84
CA ILE A 260 -4.80 12.43 -5.16
C ILE A 260 -4.76 13.38 -4.00
N THR A 261 -4.98 12.81 -2.82
CA THR A 261 -5.08 13.65 -1.65
C THR A 261 -3.77 14.34 -1.39
N TYR A 262 -2.66 13.60 -1.41
CA TYR A 262 -1.33 14.22 -1.30
C TYR A 262 -1.10 15.30 -2.40
N ALA A 263 -1.50 15.03 -3.65
CA ALA A 263 -1.28 16.02 -4.74
C ALA A 263 -2.08 17.30 -4.53
N SER A 264 -3.19 17.23 -3.79
CA SER A 264 -3.98 18.40 -3.50
C SER A 264 -3.29 19.43 -2.55
N TYR A 265 -2.15 19.08 -1.96
CA TYR A 265 -1.34 20.03 -1.21
C TYR A 265 -0.20 20.55 -2.07
N VAL A 266 -0.10 20.11 -3.32
CA VAL A 266 0.87 20.70 -4.21
C VAL A 266 0.33 22.06 -4.73
N ARG A 267 1.15 23.12 -4.64
CA ARG A 267 0.78 24.43 -5.25
C ARG A 267 0.41 24.33 -6.72
N LYS A 268 -0.60 25.10 -7.05
CA LYS A 268 -1.26 25.11 -8.34
C LYS A 268 -0.35 25.02 -9.59
N ASP A 269 0.81 25.65 -9.54
CA ASP A 269 1.63 25.71 -10.73
C ASP A 269 2.95 24.95 -10.54
N GLN A 270 3.13 24.30 -9.37
CA GLN A 270 4.30 23.44 -9.15
C GLN A 270 4.25 22.16 -10.06
N ASP A 271 5.40 21.73 -10.56
CA ASP A 271 5.47 20.56 -11.41
C ASP A 271 4.91 19.29 -10.74
N ILE A 272 4.17 18.51 -11.52
CA ILE A 272 3.80 17.16 -11.14
C ILE A 272 4.36 16.10 -12.10
N VAL A 273 4.88 16.48 -13.27
CA VAL A 273 5.34 15.46 -14.22
C VAL A 273 6.62 14.78 -13.74
N LEU A 274 7.62 15.57 -13.36
CA LEU A 274 8.88 14.98 -12.97
C LEU A 274 8.76 14.36 -11.59
N SER A 275 8.23 15.14 -10.65
CA SER A 275 7.93 14.73 -9.27
C SER A 275 7.12 13.44 -9.26
N GLY A 276 6.11 13.38 -10.09
CA GLY A 276 5.32 12.14 -10.21
C GLY A 276 6.11 10.94 -10.65
N LEU A 277 6.89 11.13 -11.67
CA LEU A 277 7.73 10.06 -12.22
C LEU A 277 8.85 9.64 -11.20
N THR A 278 9.41 10.59 -10.46
CA THR A 278 10.50 10.31 -9.49
C THR A 278 9.97 9.44 -8.32
N ALA A 279 8.82 9.81 -7.79
CA ALA A 279 8.13 9.00 -6.77
C ALA A 279 7.85 7.60 -7.27
N ALA A 280 7.27 7.51 -8.47
CA ALA A 280 6.99 6.22 -9.06
C ALA A 280 8.29 5.43 -9.14
N THR A 281 9.35 6.09 -9.60
CA THR A 281 10.64 5.41 -9.88
C THR A 281 11.34 5.04 -8.61
N LEU A 282 11.30 5.88 -7.59
CA LEU A 282 11.82 5.53 -6.29
C LEU A 282 11.12 4.28 -5.71
N ASN A 283 9.79 4.22 -5.83
CA ASN A 283 9.09 3.04 -5.42
C ASN A 283 9.48 1.77 -6.17
N GLU A 284 9.53 1.84 -7.49
CA GLU A 284 9.97 0.67 -8.22
C GLU A 284 11.38 0.19 -7.86
N LYS A 285 12.31 1.09 -7.63
CA LYS A 285 13.65 0.66 -7.20
C LYS A 285 13.59 -0.02 -5.80
N ALA A 286 12.87 0.58 -4.86
CA ALA A 286 12.69 -0.03 -3.54
C ALA A 286 12.02 -1.38 -3.68
N GLU A 287 11.05 -1.52 -4.56
CA GLU A 287 10.39 -2.80 -4.73
C GLU A 287 11.30 -3.86 -5.34
N VAL A 288 11.88 -3.58 -6.50
CA VAL A 288 12.53 -4.66 -7.24
C VAL A 288 14.02 -4.88 -6.83
N ILE A 289 14.75 -3.81 -6.50
CA ILE A 289 16.11 -3.99 -6.05
C ILE A 289 16.08 -4.37 -4.55
N LEU A 290 15.39 -3.60 -3.71
CA LEU A 290 15.45 -3.83 -2.24
C LEU A 290 14.50 -4.92 -1.76
N GLY A 291 13.20 -4.76 -1.95
CA GLY A 291 12.25 -5.82 -1.55
C GLY A 291 12.51 -7.11 -2.28
N GLY A 292 12.91 -7.03 -3.55
CA GLY A 292 13.17 -8.24 -4.33
C GLY A 292 14.44 -8.94 -3.86
N SER A 293 15.42 -8.22 -3.31
CA SER A 293 16.68 -8.91 -2.86
C SER A 293 16.75 -9.40 -1.37
N ILE A 294 15.72 -9.15 -0.54
CA ILE A 294 15.78 -9.64 0.82
C ILE A 294 15.20 -11.03 0.96
N SER A 295 13.91 -11.15 0.77
CA SER A 295 13.18 -12.32 1.20
C SER A 295 13.36 -13.51 0.34
N ILE A 296 13.15 -13.34 -0.98
CA ILE A 296 13.26 -14.48 -1.91
C ILE A 296 14.68 -15.09 -1.88
N PRO A 297 15.72 -14.26 -2.04
CA PRO A 297 17.06 -14.79 -1.97
C PRO A 297 17.42 -15.50 -0.66
N ALA A 298 16.91 -15.03 0.46
CA ALA A 298 17.25 -15.65 1.75
C ALA A 298 16.59 -16.96 1.82
N ALA A 299 15.31 -16.96 1.45
CA ALA A 299 14.52 -18.21 1.39
C ALA A 299 15.11 -19.25 0.42
N VAL A 300 15.55 -18.79 -0.73
CA VAL A 300 16.12 -19.72 -1.70
C VAL A 300 17.48 -20.26 -1.22
N ALA A 301 18.30 -19.40 -0.64
CA ALA A 301 19.60 -19.83 -0.16
C ALA A 301 19.48 -20.94 0.88
N PHE A 302 18.53 -20.83 1.83
CA PHE A 302 18.33 -21.88 2.83
C PHE A 302 17.51 -23.07 2.38
N PHE A 303 16.56 -22.93 1.48
CA PHE A 303 15.68 -24.06 1.12
C PHE A 303 15.68 -24.50 -0.31
N GLY A 304 16.30 -23.77 -1.22
CA GLY A 304 16.23 -24.10 -2.63
C GLY A 304 14.95 -23.50 -3.20
N VAL A 305 14.92 -23.31 -4.52
CA VAL A 305 13.79 -22.64 -5.15
C VAL A 305 12.42 -23.30 -4.82
N ALA A 306 12.31 -24.61 -5.05
CA ALA A 306 10.99 -25.22 -5.02
C ALA A 306 10.32 -25.01 -3.65
N ASN A 307 11.13 -25.02 -2.60
CA ASN A 307 10.61 -24.89 -1.24
C ASN A 307 10.27 -23.43 -0.89
N ALA A 308 11.07 -22.52 -1.42
CA ALA A 308 10.80 -21.09 -1.31
C ALA A 308 9.45 -20.72 -1.98
N VAL A 309 9.21 -21.29 -3.17
CA VAL A 309 7.94 -21.09 -3.86
C VAL A 309 6.77 -21.65 -3.03
N ALA A 310 6.88 -22.90 -2.61
CA ALA A 310 5.85 -23.51 -1.74
C ALA A 310 5.62 -22.69 -0.46
N ILE A 311 6.69 -22.07 0.07
CA ILE A 311 6.54 -21.17 1.22
C ILE A 311 5.74 -19.92 0.84
N ALA A 312 6.13 -19.24 -0.23
CA ALA A 312 5.35 -18.09 -0.73
C ALA A 312 3.89 -18.40 -0.87
N LYS A 313 3.58 -19.54 -1.50
CA LYS A 313 2.18 -19.98 -1.71
C LYS A 313 1.41 -20.29 -0.42
N ALA A 314 2.12 -20.56 0.67
CA ALA A 314 1.52 -20.98 1.95
C ALA A 314 0.65 -19.94 2.60
N GLY A 315 1.05 -18.68 2.56
CA GLY A 315 0.28 -17.59 3.19
C GLY A 315 0.84 -16.21 2.80
N ALA A 316 0.06 -15.15 2.98
CA ALA A 316 0.62 -13.82 2.69
C ALA A 316 1.85 -13.48 3.64
N PHE A 317 1.85 -14.12 4.81
CA PHE A 317 2.66 -13.68 5.91
C PHE A 317 3.74 -14.67 6.34
N ASN A 318 3.76 -15.83 5.69
CA ASN A 318 4.66 -16.89 6.03
C ASN A 318 6.09 -16.45 5.82
N LEU A 319 6.33 -15.78 4.71
CA LEU A 319 7.67 -15.44 4.31
C LEU A 319 8.27 -14.37 5.23
N GLY A 320 7.52 -13.30 5.45
CA GLY A 320 7.99 -12.14 6.11
C GLY A 320 8.00 -12.27 7.63
N PHE A 321 7.05 -13.02 8.21
CA PHE A 321 6.87 -13.03 9.65
C PHE A 321 7.33 -14.35 10.27
N ILE A 322 7.49 -15.37 9.43
CA ILE A 322 7.82 -16.70 9.89
C ILE A 322 9.17 -17.14 9.37
N THR A 323 9.26 -17.38 8.07
CA THR A 323 10.47 -17.89 7.42
C THR A 323 11.69 -16.97 7.58
N LEU A 324 11.58 -15.71 7.21
CA LEU A 324 12.75 -14.87 7.26
C LEU A 324 13.35 -14.78 8.68
N PRO A 325 12.54 -14.55 9.73
CA PRO A 325 13.14 -14.57 11.04
C PRO A 325 13.69 -15.94 11.43
N ALA A 326 13.09 -17.03 10.95
CA ALA A 326 13.60 -18.37 11.24
C ALA A 326 15.00 -18.53 10.67
N ILE A 327 15.17 -18.10 9.43
CA ILE A 327 16.45 -18.06 8.76
C ILE A 327 17.44 -17.17 9.50
N PHE A 328 17.09 -15.92 9.79
CA PHE A 328 17.97 -15.09 10.57
C PHE A 328 18.40 -15.73 11.89
N SER A 329 17.51 -16.48 12.53
CA SER A 329 17.86 -17.10 13.80
C SER A 329 19.03 -18.06 13.65
N GLN A 330 19.33 -18.57 12.44
CA GLN A 330 20.46 -19.47 12.27
C GLN A 330 21.77 -18.70 11.99
N THR A 331 21.80 -17.40 12.17
CA THR A 331 23.00 -16.64 11.89
C THR A 331 23.34 -15.79 13.11
N ALA A 332 24.62 -15.45 13.20
CA ALA A 332 25.11 -14.74 14.39
C ALA A 332 24.50 -13.36 14.39
N GLY A 333 23.93 -12.96 15.50
CA GLY A 333 23.20 -11.72 15.61
C GLY A 333 21.89 -11.74 14.86
N GLY A 334 21.35 -12.94 14.65
CA GLY A 334 20.11 -13.10 13.92
C GLY A 334 18.82 -12.49 14.49
N THR A 335 18.71 -12.45 15.79
CA THR A 335 17.67 -11.77 16.51
C THR A 335 17.69 -10.27 16.31
N PHE A 336 18.86 -9.64 16.33
CA PHE A 336 18.96 -8.24 15.95
C PHE A 336 18.67 -7.94 14.42
N LEU A 337 19.14 -8.78 13.54
CA LEU A 337 18.77 -8.73 12.13
C LEU A 337 17.21 -8.81 11.97
N GLY A 338 16.56 -9.74 12.68
CA GLY A 338 15.14 -9.77 12.76
C GLY A 338 14.57 -8.42 13.18
N PHE A 339 15.13 -7.84 14.25
CA PHE A 339 14.71 -6.52 14.68
C PHE A 339 14.78 -5.49 13.58
N LEU A 340 15.86 -5.50 12.81
CA LEU A 340 16.09 -4.47 11.84
C LEU A 340 15.09 -4.61 10.66
N TRP A 341 14.88 -5.86 10.21
CA TRP A 341 13.79 -6.25 9.31
C TRP A 341 12.40 -5.77 9.79
N PHE A 342 12.03 -6.08 11.04
CA PHE A 342 10.76 -5.56 11.53
C PHE A 342 10.68 -4.10 11.64
N PHE A 343 11.80 -3.50 11.98
CA PHE A 343 11.80 -2.05 12.15
C PHE A 343 11.71 -1.42 10.73
N LEU A 344 12.41 -1.99 9.76
CA LEU A 344 12.25 -1.63 8.33
C LEU A 344 10.74 -1.70 7.89
N LEU A 345 10.06 -2.83 8.14
CA LEU A 345 8.65 -2.98 7.83
C LEU A 345 7.78 -1.95 8.52
N PHE A 346 8.14 -1.65 9.76
CA PHE A 346 7.34 -0.69 10.50
C PHE A 346 7.35 0.71 9.91
N PHE A 347 8.52 1.27 9.61
CA PHE A 347 8.62 2.61 8.99
C PHE A 347 8.10 2.64 7.56
N ALA A 348 8.31 1.56 6.82
CA ALA A 348 7.63 1.32 5.57
C ALA A 348 6.10 1.36 5.71
N GLY A 349 5.53 0.60 6.63
CA GLY A 349 4.09 0.68 6.90
C GLY A 349 3.66 2.07 7.32
N LEU A 350 4.33 2.60 8.34
CA LEU A 350 3.94 3.87 8.89
C LEU A 350 3.91 5.00 7.84
N THR A 351 4.92 5.11 7.00
CA THR A 351 4.86 6.17 5.98
C THR A 351 3.71 5.98 4.98
N SER A 352 3.19 4.76 4.85
CA SER A 352 2.06 4.46 3.98
C SER A 352 0.71 4.60 4.65
N SER A 353 0.63 4.23 5.93
CA SER A 353 -0.66 4.29 6.58
C SER A 353 -1.07 5.70 6.84
N ILE A 354 -0.11 6.59 7.13
CA ILE A 354 -0.50 7.98 7.28
C ILE A 354 -1.06 8.53 5.94
N ALA A 355 -0.59 7.99 4.82
CA ALA A 355 -1.07 8.42 3.52
C ALA A 355 -2.52 7.93 3.29
N ILE A 356 -2.89 6.77 3.86
CA ILE A 356 -4.24 6.25 3.60
C ILE A 356 -5.24 6.67 4.65
N MET A 357 -4.80 7.39 5.69
CA MET A 357 -5.72 8.07 6.57
C MET A 357 -6.00 9.51 6.21
N GLN A 358 -5.05 10.16 5.57
CA GLN A 358 -5.18 11.56 5.19
C GLN A 358 -6.39 11.89 4.28
N PRO A 359 -6.82 10.94 3.41
CA PRO A 359 -8.02 11.26 2.60
C PRO A 359 -9.29 11.53 3.40
N MET A 360 -9.54 10.68 4.41
CA MET A 360 -10.68 10.89 5.32
C MET A 360 -10.52 12.22 6.14
N ILE A 361 -9.30 12.51 6.58
CA ILE A 361 -8.93 13.80 7.24
C ILE A 361 -9.21 15.02 6.35
N ALA A 362 -8.75 14.94 5.13
CA ALA A 362 -8.87 16.03 4.12
C ALA A 362 -10.38 16.22 3.79
N PHE A 363 -11.12 15.12 3.70
CA PHE A 363 -12.56 15.23 3.52
C PHE A 363 -13.21 15.97 4.70
N LEU A 364 -12.87 15.58 5.90
CA LEU A 364 -13.50 16.18 7.04
C LEU A 364 -13.14 17.66 7.18
N GLU A 365 -11.86 17.98 6.95
CA GLU A 365 -11.41 19.40 6.93
C GLU A 365 -12.05 20.19 5.76
N ASP A 366 -11.95 19.65 4.55
CA ASP A 366 -12.31 20.40 3.35
C ASP A 366 -13.81 20.54 3.22
N GLU A 367 -14.56 19.44 3.40
CA GLU A 367 -16.00 19.44 3.10
C GLU A 367 -16.89 19.67 4.28
N LEU A 368 -16.46 19.26 5.47
CA LEU A 368 -17.22 19.47 6.68
C LEU A 368 -16.61 20.51 7.63
N LYS A 369 -15.46 21.08 7.28
CA LYS A 369 -14.85 22.16 8.04
C LYS A 369 -14.44 21.84 9.45
N LEU A 370 -14.07 20.60 9.71
CA LEU A 370 -13.45 20.29 10.97
C LEU A 370 -12.06 20.85 10.97
N SER A 371 -11.63 21.24 12.15
CA SER A 371 -10.28 21.56 12.36
C SER A 371 -9.45 20.29 12.09
N ARG A 372 -8.17 20.49 11.80
CA ARG A 372 -7.24 19.36 11.72
C ARG A 372 -7.24 18.42 12.95
N LYS A 373 -7.17 18.97 14.16
CA LYS A 373 -7.22 18.15 15.38
C LYS A 373 -8.39 17.15 15.39
N HIS A 374 -9.58 17.70 15.27
CA HIS A 374 -10.78 16.94 15.31
C HIS A 374 -10.88 15.97 14.10
N ALA A 375 -10.40 16.35 12.93
CA ALA A 375 -10.49 15.49 11.73
C ALA A 375 -9.59 14.26 11.92
N VAL A 376 -8.41 14.50 12.51
CA VAL A 376 -7.44 13.43 12.71
C VAL A 376 -7.98 12.51 13.76
N LEU A 377 -8.57 13.06 14.81
CA LEU A 377 -9.09 12.23 15.95
C LEU A 377 -10.30 11.37 15.61
N TRP A 378 -11.25 11.94 14.92
CA TRP A 378 -12.38 11.19 14.46
C TRP A 378 -11.97 10.11 13.49
N THR A 379 -11.00 10.40 12.61
CA THR A 379 -10.49 9.41 11.69
C THR A 379 -9.83 8.25 12.48
N ALA A 380 -8.97 8.58 13.44
CA ALA A 380 -8.31 7.57 14.24
C ALA A 380 -9.36 6.74 14.96
N ALA A 381 -10.42 7.39 15.44
CA ALA A 381 -11.49 6.68 16.14
C ALA A 381 -12.27 5.70 15.21
N ILE A 382 -12.56 6.09 13.99
CA ILE A 382 -13.22 5.19 13.09
C ILE A 382 -12.33 4.02 12.76
N VAL A 383 -11.06 4.30 12.45
CA VAL A 383 -10.14 3.22 12.08
C VAL A 383 -9.92 2.27 13.28
N PHE A 384 -9.66 2.83 14.47
CA PHE A 384 -9.47 2.03 15.69
C PHE A 384 -10.68 1.13 16.00
N PHE A 385 -11.83 1.77 16.03
CA PHE A 385 -13.05 1.03 16.25
C PHE A 385 -13.19 -0.17 15.28
N SER A 386 -13.14 0.13 13.97
CA SER A 386 -13.42 -0.82 12.93
C SER A 386 -12.44 -1.95 12.94
N ALA A 387 -11.22 -1.70 13.40
CA ALA A 387 -10.12 -2.71 13.39
C ALA A 387 -10.34 -3.89 14.34
N HIS A 388 -11.24 -3.72 15.30
CA HIS A 388 -11.75 -4.84 16.13
C HIS A 388 -12.33 -6.00 15.28
N LEU A 389 -12.89 -5.69 14.14
CA LEU A 389 -13.35 -6.74 13.23
C LEU A 389 -12.19 -7.59 12.68
N VAL A 390 -11.17 -6.90 12.20
CA VAL A 390 -9.96 -7.52 11.68
C VAL A 390 -9.12 -8.25 12.78
N MET A 391 -9.07 -7.69 14.00
CA MET A 391 -8.38 -8.28 15.12
C MET A 391 -9.02 -9.53 15.61
N PHE A 392 -10.38 -9.60 15.59
CA PHE A 392 -11.13 -10.71 16.17
C PHE A 392 -11.85 -11.72 15.29
N LEU A 393 -12.04 -11.41 13.99
CA LEU A 393 -12.81 -12.27 13.10
C LEU A 393 -11.87 -12.83 12.08
N ASN A 394 -11.63 -14.12 12.17
CA ASN A 394 -10.66 -14.75 11.29
C ASN A 394 -11.04 -14.54 9.81
N LYS A 395 -10.09 -14.17 8.95
CA LYS A 395 -10.36 -13.89 7.53
C LYS A 395 -11.19 -12.62 7.19
N SER A 396 -11.58 -11.81 8.18
CA SER A 396 -12.12 -10.50 7.88
C SER A 396 -11.09 -9.62 7.06
N LEU A 397 -9.84 -9.65 7.47
CA LEU A 397 -8.76 -8.93 6.81
C LEU A 397 -8.65 -9.28 5.32
N ASP A 398 -8.74 -10.57 5.02
CA ASP A 398 -8.63 -11.08 3.66
C ASP A 398 -9.79 -10.53 2.82
N GLU A 399 -10.96 -10.50 3.43
CA GLU A 399 -12.16 -10.01 2.79
C GLU A 399 -12.07 -8.53 2.46
N MET A 400 -11.61 -7.70 3.42
CA MET A 400 -11.42 -6.30 3.17
C MET A 400 -10.32 -6.04 2.10
N ASP A 401 -9.25 -6.82 2.18
CA ASP A 401 -8.18 -6.69 1.23
C ASP A 401 -8.63 -7.00 -0.22
N PHE A 402 -9.52 -7.96 -0.35
CA PHE A 402 -10.08 -8.31 -1.63
C PHE A 402 -10.99 -7.20 -2.20
N TRP A 403 -12.01 -6.80 -1.44
CA TRP A 403 -12.99 -5.83 -1.98
C TRP A 403 -12.41 -4.43 -2.20
N ALA A 404 -11.63 -3.98 -1.23
CA ALA A 404 -11.09 -2.66 -1.31
C ALA A 404 -9.69 -2.64 -1.95
N GLY A 405 -8.78 -3.44 -1.43
CA GLY A 405 -7.40 -3.41 -1.83
C GLY A 405 -6.99 -4.10 -3.12
N THR A 406 -7.89 -4.87 -3.75
CA THR A 406 -7.57 -5.66 -4.93
C THR A 406 -8.53 -5.26 -6.09
N ILE A 407 -9.79 -5.67 -6.03
CA ILE A 407 -10.87 -5.24 -6.96
C ILE A 407 -11.18 -3.76 -6.95
N GLY A 408 -11.50 -3.26 -5.77
CA GLY A 408 -11.82 -1.87 -5.63
C GLY A 408 -10.84 -0.93 -6.32
N VAL A 409 -9.55 -1.15 -6.14
CA VAL A 409 -8.58 -0.20 -6.60
C VAL A 409 -8.54 -0.23 -8.13
N VAL A 410 -8.68 -1.40 -8.74
CA VAL A 410 -8.58 -1.52 -10.19
C VAL A 410 -9.83 -0.84 -10.83
N PHE A 411 -11.02 -1.18 -10.32
CA PHE A 411 -12.24 -0.47 -10.62
C PHE A 411 -12.10 1.05 -10.43
N PHE A 412 -11.51 1.48 -9.32
CA PHE A 412 -11.48 2.90 -9.08
C PHE A 412 -10.50 3.58 -10.02
N GLY A 413 -9.40 2.89 -10.34
CA GLY A 413 -8.43 3.40 -11.29
C GLY A 413 -9.07 3.60 -12.68
N LEU A 414 -9.90 2.67 -13.13
CA LEU A 414 -10.53 2.79 -14.46
C LEU A 414 -11.57 3.95 -14.40
N THR A 415 -12.33 3.98 -13.32
CA THR A 415 -13.26 5.08 -13.09
C THR A 415 -12.64 6.49 -13.13
N GLU A 416 -11.49 6.67 -12.48
CA GLU A 416 -10.90 7.99 -12.44
C GLU A 416 -10.29 8.32 -13.81
N LEU A 417 -9.81 7.31 -14.49
CA LEU A 417 -9.33 7.50 -15.82
C LEU A 417 -10.44 7.99 -16.78
N ILE A 418 -11.60 7.30 -16.80
CA ILE A 418 -12.79 7.67 -17.61
C ILE A 418 -13.28 9.05 -17.19
N ILE A 419 -13.41 9.27 -15.91
CA ILE A 419 -13.89 10.57 -15.45
C ILE A 419 -12.97 11.72 -15.95
N PHE A 420 -11.67 11.56 -15.84
CA PHE A 420 -10.77 12.67 -16.08
C PHE A 420 -10.43 12.76 -17.56
N PHE A 421 -10.24 11.63 -18.21
CA PHE A 421 -9.64 11.65 -19.51
C PHE A 421 -10.67 11.52 -20.61
N TRP A 422 -11.86 11.04 -20.31
CA TRP A 422 -12.92 10.87 -21.32
C TRP A 422 -14.01 11.91 -21.11
N ILE A 423 -14.54 12.02 -19.89
CA ILE A 423 -15.72 12.85 -19.63
C ILE A 423 -15.36 14.32 -19.56
N PHE A 424 -14.49 14.63 -18.60
CA PHE A 424 -13.94 15.98 -18.44
C PHE A 424 -13.32 16.50 -19.74
N GLY A 425 -12.65 15.64 -20.51
CA GLY A 425 -11.90 16.04 -21.69
C GLY A 425 -10.46 15.54 -21.77
N ALA A 426 -10.17 14.66 -22.74
CA ALA A 426 -8.81 14.19 -22.96
C ALA A 426 -7.77 15.34 -23.10
N ASP A 427 -8.13 16.40 -23.83
CA ASP A 427 -7.18 17.48 -24.10
C ASP A 427 -7.04 18.41 -22.92
N LYS A 428 -8.14 18.62 -22.22
CA LYS A 428 -8.09 19.39 -21.00
C LYS A 428 -7.32 18.61 -19.90
N ALA A 429 -7.49 17.30 -19.86
CA ALA A 429 -6.74 16.43 -18.92
C ALA A 429 -5.24 16.52 -19.25
N TRP A 430 -4.92 16.32 -20.54
CA TRP A 430 -3.53 16.44 -21.01
C TRP A 430 -2.86 17.78 -20.59
N GLU A 431 -3.55 18.85 -20.93
CA GLU A 431 -3.09 20.17 -20.60
C GLU A 431 -2.89 20.33 -19.09
N GLU A 432 -3.83 19.78 -18.31
CA GLU A 432 -3.78 19.96 -16.86
C GLU A 432 -2.63 19.16 -16.26
N ILE A 433 -2.35 17.98 -16.82
CA ILE A 433 -1.21 17.17 -16.39
C ILE A 433 0.11 17.90 -16.63
N ASN A 434 0.25 18.47 -17.82
CA ASN A 434 1.52 19.09 -18.25
C ASN A 434 1.74 20.52 -17.72
N ARG A 435 0.68 21.24 -17.42
CA ARG A 435 0.83 22.61 -16.87
C ARG A 435 1.80 22.65 -15.69
N GLY A 436 2.83 23.50 -15.80
CA GLY A 436 3.90 23.64 -14.82
C GLY A 436 4.92 22.54 -14.92
N GLY A 437 4.77 21.65 -15.88
CA GLY A 437 5.74 20.58 -16.00
C GLY A 437 7.18 21.11 -16.10
N ILE A 438 8.10 20.49 -15.35
CA ILE A 438 9.54 20.72 -15.49
C ILE A 438 9.97 19.87 -16.71
N ILE A 439 9.28 18.74 -16.94
CA ILE A 439 9.31 18.08 -18.24
C ILE A 439 7.91 17.88 -18.75
N LYS A 440 7.79 17.54 -20.03
CA LYS A 440 6.50 17.23 -20.59
C LYS A 440 6.31 15.73 -20.62
N VAL A 441 5.07 15.28 -20.50
CA VAL A 441 4.80 13.86 -20.70
C VAL A 441 5.08 13.47 -22.16
N PRO A 442 5.82 12.38 -22.38
CA PRO A 442 5.93 11.95 -23.76
C PRO A 442 4.58 11.83 -24.44
N ARG A 443 4.55 12.29 -25.68
CA ARG A 443 3.35 12.35 -26.46
C ARG A 443 2.62 11.00 -26.73
N ILE A 444 3.37 9.92 -26.96
CA ILE A 444 2.79 8.59 -27.08
C ILE A 444 1.88 8.31 -25.85
N TYR A 445 2.20 8.88 -24.68
CA TYR A 445 1.41 8.62 -23.46
C TYR A 445 0.00 9.18 -23.54
N TYR A 446 -0.19 10.22 -24.36
CA TYR A 446 -1.52 10.71 -24.54
C TYR A 446 -2.42 9.58 -25.10
N TYR A 447 -1.88 8.81 -26.03
CA TYR A 447 -2.67 7.72 -26.63
C TYR A 447 -2.79 6.58 -25.64
N VAL A 448 -1.71 6.32 -24.88
CA VAL A 448 -1.78 5.28 -23.84
C VAL A 448 -2.88 5.63 -22.86
N MET A 449 -2.92 6.85 -22.35
CA MET A 449 -3.93 7.24 -21.38
C MET A 449 -5.36 7.24 -21.91
N ARG A 450 -5.54 7.73 -23.15
CA ARG A 450 -6.89 7.81 -23.67
C ARG A 450 -7.42 6.44 -24.13
N TYR A 451 -6.57 5.61 -24.71
CA TYR A 451 -7.04 4.33 -25.30
C TYR A 451 -6.47 3.06 -24.69
N ILE A 452 -5.18 3.00 -24.42
CA ILE A 452 -4.53 1.72 -24.08
C ILE A 452 -4.83 1.36 -22.61
N THR A 453 -4.49 2.25 -21.67
CA THR A 453 -4.75 2.03 -20.26
C THR A 453 -6.24 1.64 -19.99
N PRO A 454 -7.22 2.48 -20.42
CA PRO A 454 -8.63 2.03 -20.22
C PRO A 454 -9.01 0.66 -20.86
N ALA A 455 -8.49 0.32 -22.04
CA ALA A 455 -8.78 -0.99 -22.65
C ALA A 455 -8.13 -2.14 -21.84
N PHE A 456 -6.83 -2.01 -21.60
CA PHE A 456 -6.06 -2.93 -20.74
C PHE A 456 -6.83 -3.23 -19.50
N LEU A 457 -7.27 -2.19 -18.77
CA LEU A 457 -7.97 -2.41 -17.51
C LEU A 457 -9.35 -2.97 -17.67
N ALA A 458 -10.08 -2.62 -18.73
CA ALA A 458 -11.44 -3.14 -18.85
C ALA A 458 -11.34 -4.65 -19.19
N VAL A 459 -10.36 -5.02 -20.01
CA VAL A 459 -10.19 -6.41 -20.37
C VAL A 459 -9.92 -7.25 -19.08
N LEU A 460 -8.87 -6.87 -18.33
CA LEU A 460 -8.51 -7.54 -17.06
C LEU A 460 -9.72 -7.65 -16.14
N LEU A 461 -10.46 -6.56 -15.99
CA LEU A 461 -11.58 -6.55 -15.07
C LEU A 461 -12.61 -7.61 -15.48
N VAL A 462 -12.91 -7.70 -16.78
CA VAL A 462 -13.89 -8.65 -17.28
C VAL A 462 -13.46 -10.05 -16.84
N VAL A 463 -12.21 -10.40 -17.12
CA VAL A 463 -11.64 -11.65 -16.61
C VAL A 463 -11.21 -11.51 -15.13
N THR A 476 -17.10 -19.33 0.07
CA THR A 476 -16.40 -19.10 1.37
C THR A 476 -17.32 -19.42 2.59
N HIS A 477 -16.72 -19.29 3.78
CA HIS A 477 -17.41 -19.40 5.09
C HIS A 477 -18.42 -18.25 5.25
N TRP A 478 -19.48 -18.50 6.03
CA TRP A 478 -20.60 -17.57 6.16
C TRP A 478 -20.21 -16.24 6.86
N THR A 479 -19.14 -16.28 7.65
CA THR A 479 -18.63 -15.10 8.33
C THR A 479 -18.08 -14.01 7.41
N VAL A 480 -17.71 -14.30 6.18
CA VAL A 480 -17.41 -13.23 5.18
C VAL A 480 -18.51 -12.18 5.12
N TRP A 481 -19.78 -12.59 5.31
CA TRP A 481 -20.95 -11.69 5.31
C TRP A 481 -20.91 -10.66 6.49
N ILE A 482 -20.31 -11.02 7.63
CA ILE A 482 -20.11 -10.03 8.69
C ILE A 482 -19.29 -8.89 8.14
N THR A 483 -18.23 -9.20 7.40
CA THR A 483 -17.31 -8.17 6.94
C THR A 483 -17.93 -7.34 5.77
N ARG A 484 -18.53 -8.04 4.84
CA ARG A 484 -19.23 -7.39 3.76
C ARG A 484 -20.28 -6.47 4.32
N PHE A 485 -21.05 -6.96 5.26
CA PHE A 485 -22.08 -6.11 5.83
C PHE A 485 -21.45 -4.86 6.46
N TYR A 486 -20.37 -5.01 7.24
CA TYR A 486 -19.84 -3.84 7.92
C TYR A 486 -19.27 -2.84 6.89
N ILE A 487 -18.55 -3.30 5.90
CA ILE A 487 -17.89 -2.38 5.04
C ILE A 487 -18.88 -1.77 4.02
N ILE A 488 -20.01 -2.42 3.74
CA ILE A 488 -21.13 -1.78 3.05
C ILE A 488 -21.75 -0.68 3.93
N GLY A 489 -21.90 -0.95 5.22
CA GLY A 489 -22.35 0.07 6.15
C GLY A 489 -21.41 1.27 6.13
N LEU A 490 -20.08 1.02 6.11
CA LEU A 490 -19.12 2.11 5.97
C LEU A 490 -19.39 2.96 4.73
N PHE A 491 -19.69 2.31 3.61
CA PHE A 491 -19.90 3.05 2.35
C PHE A 491 -21.13 3.94 2.51
N LEU A 492 -22.19 3.42 3.13
CA LEU A 492 -23.41 4.17 3.36
C LEU A 492 -23.18 5.37 4.32
N PHE A 493 -22.37 5.15 5.33
CA PHE A 493 -22.02 6.23 6.27
C PHE A 493 -21.27 7.36 5.58
N LEU A 494 -20.32 6.99 4.73
CA LEU A 494 -19.55 8.01 4.01
C LEU A 494 -20.44 8.67 2.99
N THR A 495 -21.35 7.91 2.35
CA THR A 495 -22.31 8.54 1.40
C THR A 495 -23.18 9.58 2.16
N PHE A 496 -23.56 9.26 3.38
CA PHE A 496 -24.31 10.17 4.19
C PHE A 496 -23.48 11.41 4.49
N LEU A 497 -22.16 11.28 4.69
CA LEU A 497 -21.36 12.45 5.08
C LEU A 497 -21.22 13.38 3.87
N VAL A 498 -21.18 12.81 2.68
CA VAL A 498 -21.14 13.58 1.47
C VAL A 498 -22.44 14.37 1.34
N PHE A 499 -23.54 13.71 1.65
CA PHE A 499 -24.85 14.35 1.61
C PHE A 499 -24.86 15.52 2.58
N LEU A 500 -24.34 15.35 3.78
CA LEU A 500 -24.31 16.45 4.73
C LEU A 500 -23.42 17.59 4.28
N ALA A 501 -22.36 17.22 3.55
CA ALA A 501 -21.40 18.20 3.10
C ALA A 501 -22.03 19.06 2.04
N GLU A 502 -22.78 18.43 1.11
CA GLU A 502 -23.46 19.17 0.07
C GLU A 502 -24.58 20.04 0.66
N ARG A 503 -25.20 19.62 1.75
CA ARG A 503 -26.24 20.46 2.40
C ARG A 503 -25.60 21.59 3.20
N ARG A 504 -24.38 21.41 3.69
CA ARG A 504 -23.69 22.53 4.33
C ARG A 504 -23.32 23.61 3.28
N ARG A 505 -23.05 23.23 2.01
CA ARG A 505 -22.81 24.22 0.93
C ARG A 505 -24.02 25.15 0.69
N ASN A 506 -25.20 24.54 0.62
CA ASN A 506 -26.47 25.25 0.39
C ASN A 506 -26.72 26.31 1.49
N HIS A 507 -26.78 25.91 2.76
CA HIS A 507 -26.72 26.86 3.89
C HIS A 507 -25.41 27.69 3.77
C1 BOG B . 10.39 9.49 -26.56
O1 BOG B . 9.89 8.28 -25.98
C2 BOG B . 10.77 9.33 -28.02
O2 BOG B . 11.90 8.42 -28.06
C3 BOG B . 11.10 10.69 -28.68
O3 BOG B . 11.11 10.60 -30.11
C4 BOG B . 10.08 11.76 -28.29
O4 BOG B . 10.46 13.04 -28.74
C5 BOG B . 9.92 11.78 -26.77
O5 BOG B . 9.37 10.49 -26.48
C6 BOG B . 9.08 12.95 -26.14
O6 BOG B . 7.73 12.96 -26.62
C1' BOG B . 9.86 8.33 -24.55
C2' BOG B . 9.62 6.94 -23.99
C3' BOG B . 8.14 6.58 -23.94
C4' BOG B . 7.93 5.15 -23.45
C5' BOG B . 6.50 4.96 -23.01
C6' BOG B . 5.94 3.57 -23.30
C7' BOG B . 4.42 3.67 -23.45
C8' BOG B . 3.77 2.43 -22.87
N LEU C . 1.81 1.64 -1.74
CA LEU C . 1.65 1.05 -0.38
C LEU C . 2.47 -0.18 -0.21
O LEU C . 2.49 -0.81 0.87
CB LEU C . 0.20 0.68 -0.08
CG LEU C . -0.88 1.75 -0.02
CD1 LEU C . -2.19 1.08 0.45
CD2 LEU C . -0.50 2.94 0.90
OXT LEU C . 3.11 -0.59 -1.17
O1 MTN D . 24.79 -0.57 6.56
N1 MTN D . 24.48 0.78 6.56
C1 MTN D . 23.98 1.56 7.75
C2 MTN D . 23.80 2.97 7.18
C3 MTN D . 24.14 3.01 5.88
C4 MTN D . 24.13 4.27 5.01
S1 MTN D . 22.58 4.46 4.07
C5 MTN D . 24.57 1.61 5.33
C6 MTN D . 26.01 1.60 4.72
C7 MTN D . 23.54 1.04 4.34
C8 MTN D . 22.70 0.97 8.39
C9 MTN D . 25.11 1.66 8.81
C1 BOG E . -9.25 -6.78 24.95
O1 BOG E . -10.63 -6.52 24.59
C2 BOG E . -9.17 -7.52 26.32
O2 BOG E . -9.42 -6.69 27.46
C3 BOG E . -7.79 -8.16 26.60
O3 BOG E . -7.85 -9.08 27.68
C4 BOG E . -7.35 -8.99 25.41
O4 BOG E . -6.11 -9.59 25.70
C5 BOG E . -7.30 -8.07 24.21
O5 BOG E . -8.64 -7.64 23.96
C6 BOG E . -6.75 -8.78 22.99
O6 BOG E . -7.31 -10.09 22.78
C1' BOG E . -10.93 -5.54 23.60
C2' BOG E . -12.42 -5.13 23.70
C3' BOG E . -13.02 -4.54 22.41
C4' BOG E . -14.54 -4.19 22.47
C5' BOG E . -14.97 -2.92 21.69
C6' BOG E . -14.78 -1.63 22.51
C7' BOG E . -14.18 -0.45 21.74
C8' BOG E . -13.50 0.50 22.71
C1 BOG F . -13.75 -10.49 24.23
O1 BOG F . -14.46 -10.00 23.07
C2 BOG F . -14.19 -11.86 24.84
O2 BOG F . -15.61 -11.96 25.01
C3 BOG F . -13.50 -12.06 26.21
O3 BOG F . -13.57 -13.44 26.66
C4 BOG F . -12.03 -11.58 26.23
O4 BOG F . -11.89 -10.80 27.41
C5 BOG F . -11.53 -10.71 25.03
O5 BOG F . -12.39 -10.72 23.89
C6 BOG F . -10.10 -11.06 24.55
O6 BOG F . -9.98 -12.07 23.54
C1' BOG F . -13.76 -8.95 22.38
C2' BOG F . -14.70 -8.06 21.59
C3' BOG F . -14.69 -8.38 20.10
C4' BOG F . -15.29 -7.28 19.25
C5' BOG F . -15.36 -7.68 17.74
C6' BOG F . -16.35 -8.84 17.41
C7' BOG F . -15.82 -10.12 16.68
C8' BOG F . -15.91 -11.45 17.43
NA NA G . 5.40 3.76 3.35
NA NA H . 4.85 0.36 -2.80
CL CL I . 2.71 -11.73 22.17
#